data_3F3D
#
_entry.id   3F3D
#
_cell.length_a   88.333
_cell.length_b   86.636
_cell.length_c   81.166
_cell.angle_alpha   90.00
_cell.angle_beta   95.57
_cell.angle_gamma   90.00
#
_symmetry.space_group_name_H-M   'C 1 2 1'
#
loop_
_entity.id
_entity.type
_entity.pdbx_description
1 polymer Transporter
2 non-polymer 'octyl beta-D-glucopyranoside'
3 non-polymer 'SODIUM ION'
4 non-polymer METHIONINE
5 water water
#
_entity_poly.entity_id   1
_entity_poly.type   'polypeptide(L)'
_entity_poly.pdbx_seq_one_letter_code
;MEVKREHWATRLGLILAMAGNAVGLGNFLRFPVQAAENGGGAFMIPYIIAFLLVGIPLMWIEWAMGRYGGAQGHGTTPAI
FYLLWRNRFAKILGVFGLWIPLVVAIYYVYIESWTLGFAIKFLVGLVPEPPPNATDPDSILRPFKEFLYSYIGVPKGDEP
ILKPSLFAYIVFLITMFINVSILIRGISKGIERFAKIAMPTLFILAVFLVIRVFLLETPNGTAADGLNFLWTPDFEKLKD
PGVWIAAVGQIFFTLSLGFGAIITYASYVRKDQDIVLSGLTAATLNEKAEVILGGSISIPAAVAFFGVANAVAIAKAGAF
NLGFITLPAIFSQTAGGTFLGFLWFFLLFFAGLTSSIAIMQPMIAFLEDELKLSRKHAVLWTAAIVFFSAHLVMFLNKSL
DEMDFWAGTIGVVFFGLTELIIFFWIFGADKAWEEINRGGIIKVPRIYYYVMRYITPAFLAVLLVVWAREYIPKIMEETH
WTVWITRFYIIGLFLFLTFLVFLAERRRNHESAGTLVPR
;
_entity_poly.pdbx_strand_id   A
#
# COMPACT_ATOMS: atom_id res chain seq x y z
N ARG A 5 3.89 27.09 3.96
CA ARG A 5 3.61 25.68 3.56
C ARG A 5 3.87 25.45 2.07
N GLU A 6 4.49 24.31 1.76
CA GLU A 6 4.65 23.85 0.39
C GLU A 6 3.32 23.55 -0.31
N HIS A 7 3.35 23.63 -1.64
CA HIS A 7 2.20 23.31 -2.47
C HIS A 7 2.64 22.56 -3.71
N TRP A 8 1.77 21.70 -4.22
CA TRP A 8 1.98 21.07 -5.53
C TRP A 8 2.01 22.16 -6.59
N ALA A 9 3.07 22.17 -7.39
CA ALA A 9 3.26 23.17 -8.44
C ALA A 9 2.21 23.06 -9.55
N THR A 10 2.10 21.87 -10.14
CA THR A 10 1.19 21.67 -11.26
C THR A 10 0.08 20.70 -10.87
N ARG A 11 -1.02 20.75 -11.64
CA ARG A 11 -2.16 19.86 -11.42
C ARG A 11 -1.84 18.42 -11.85
N LEU A 12 -1.07 18.29 -12.93
CA LEU A 12 -0.62 16.99 -13.41
C LEU A 12 0.31 16.33 -12.39
N GLY A 13 1.26 17.11 -11.87
CA GLY A 13 2.18 16.65 -10.84
C GLY A 13 1.43 16.15 -9.62
N LEU A 14 0.40 16.88 -9.21
CA LEU A 14 -0.47 16.44 -8.12
C LEU A 14 -1.09 15.08 -8.43
N ILE A 15 -1.68 14.95 -9.62
CA ILE A 15 -2.35 13.73 -10.07
C ILE A 15 -1.41 12.53 -10.12
N LEU A 16 -0.23 12.74 -10.69
CA LEU A 16 0.75 11.66 -10.85
C LEU A 16 1.39 11.26 -9.52
N ALA A 17 1.53 12.23 -8.61
CA ALA A 17 2.05 11.94 -7.27
C ALA A 17 1.05 11.15 -6.44
N MET A 18 -0.23 11.53 -6.51
CA MET A 18 -1.31 10.79 -5.85
C MET A 18 -1.57 9.43 -6.50
N ALA A 19 -1.37 9.34 -7.82
CA ALA A 19 -1.41 8.07 -8.53
C ALA A 19 -0.22 7.19 -8.16
N GLY A 20 0.94 7.81 -7.95
CA GLY A 20 2.15 7.11 -7.53
C GLY A 20 2.03 6.62 -6.11
N ASN A 21 1.34 7.41 -5.28
CA ASN A 21 0.95 7.06 -3.93
C ASN A 21 0.16 5.74 -3.93
N ALA A 22 -0.92 5.68 -4.70
CA ALA A 22 -1.78 4.50 -4.77
C ALA A 22 -1.18 3.32 -5.56
N VAL A 23 -0.64 3.59 -6.76
CA VAL A 23 -0.11 2.52 -7.62
C VAL A 23 1.21 1.97 -7.06
N GLY A 24 1.17 0.81 -6.43
CA GLY A 24 2.37 0.23 -5.85
C GLY A 24 2.44 -1.28 -5.94
N LEU A 25 3.08 -1.88 -4.93
CA LEU A 25 3.19 -3.33 -4.83
C LEU A 25 1.83 -4.00 -4.59
N GLY A 26 0.83 -3.22 -4.19
CA GLY A 26 -0.53 -3.73 -4.03
C GLY A 26 -1.18 -4.11 -5.35
N ASN A 27 -0.85 -3.35 -6.40
CA ASN A 27 -1.37 -3.58 -7.75
C ASN A 27 -0.79 -4.81 -8.43
N PHE A 28 0.50 -5.02 -8.25
CA PHE A 28 1.23 -6.02 -9.02
C PHE A 28 1.54 -7.29 -8.25
N LEU A 29 1.58 -7.21 -6.93
CA LEU A 29 1.86 -8.38 -6.09
C LEU A 29 0.65 -8.86 -5.30
N ARG A 30 -0.02 -7.93 -4.62
CA ARG A 30 -1.10 -8.27 -3.69
C ARG A 30 -2.40 -8.61 -4.41
N PHE A 31 -2.79 -7.78 -5.38
CA PHE A 31 -4.04 -8.00 -6.12
C PHE A 31 -4.15 -9.36 -6.81
N PRO A 32 -3.10 -9.79 -7.55
CA PRO A 32 -3.16 -11.10 -8.20
C PRO A 32 -3.37 -12.25 -7.21
N VAL A 33 -2.69 -12.19 -6.07
CA VAL A 33 -2.82 -13.23 -5.04
C VAL A 33 -4.23 -13.26 -4.46
N GLN A 34 -4.76 -12.08 -4.16
CA GLN A 34 -6.10 -11.93 -3.59
C GLN A 34 -7.18 -12.45 -4.52
N ALA A 35 -7.10 -12.05 -5.80
CA ALA A 35 -8.06 -12.48 -6.81
C ALA A 35 -8.02 -13.99 -7.03
N ALA A 36 -6.82 -14.55 -7.16
CA ALA A 36 -6.66 -16.00 -7.40
C ALA A 36 -7.17 -16.88 -6.25
N GLU A 37 -6.83 -16.50 -5.02
CA GLU A 37 -7.29 -17.20 -3.82
C GLU A 37 -8.81 -17.19 -3.67
N ASN A 38 -9.45 -16.18 -4.26
CA ASN A 38 -10.88 -15.95 -4.07
C ASN A 38 -11.71 -16.14 -5.35
N GLY A 39 -11.33 -17.14 -6.14
CA GLY A 39 -12.14 -17.58 -7.29
C GLY A 39 -12.11 -16.71 -8.53
N GLY A 40 -11.09 -15.87 -8.65
CA GLY A 40 -10.90 -15.03 -9.84
C GLY A 40 -12.02 -14.01 -10.05
N GLY A 41 -12.96 -14.36 -10.93
CA GLY A 41 -14.11 -13.50 -11.23
C GLY A 41 -15.11 -13.42 -10.09
N ALA A 42 -15.07 -14.40 -9.20
CA ALA A 42 -15.86 -14.40 -7.97
C ALA A 42 -15.43 -13.27 -7.02
N PHE A 43 -14.16 -12.90 -7.10
CA PHE A 43 -13.58 -11.82 -6.30
C PHE A 43 -13.94 -10.46 -6.87
N MET A 44 -14.15 -10.41 -8.18
CA MET A 44 -14.26 -9.15 -8.91
C MET A 44 -15.56 -8.37 -8.69
N ILE A 45 -16.69 -9.07 -8.60
CA ILE A 45 -17.97 -8.42 -8.29
C ILE A 45 -17.89 -7.66 -6.96
N PRO A 46 -17.51 -8.36 -5.87
CA PRO A 46 -17.32 -7.68 -4.58
C PRO A 46 -16.28 -6.55 -4.64
N TYR A 47 -15.27 -6.73 -5.48
CA TYR A 47 -14.20 -5.76 -5.64
C TYR A 47 -14.69 -4.46 -6.28
N ILE A 48 -15.49 -4.59 -7.35
CA ILE A 48 -16.08 -3.44 -8.05
C ILE A 48 -17.07 -2.69 -7.15
N ILE A 49 -17.91 -3.44 -6.43
CA ILE A 49 -18.85 -2.86 -5.47
C ILE A 49 -18.11 -2.14 -4.33
N ALA A 50 -17.04 -2.74 -3.82
CA ALA A 50 -16.22 -2.13 -2.77
C ALA A 50 -15.52 -0.84 -3.25
N PHE A 51 -15.09 -0.83 -4.51
CA PHE A 51 -14.56 0.39 -5.11
C PHE A 51 -15.63 1.50 -5.15
N LEU A 52 -16.86 1.13 -5.49
CA LEU A 52 -17.94 2.10 -5.62
C LEU A 52 -18.51 2.58 -4.27
N LEU A 53 -18.61 1.67 -3.31
CA LEU A 53 -19.24 1.96 -2.01
C LEU A 53 -18.27 2.37 -0.90
N VAL A 54 -16.97 2.08 -1.09
CA VAL A 54 -15.95 2.39 -0.08
C VAL A 54 -14.80 3.21 -0.66
N GLY A 55 -14.18 2.69 -1.73
CA GLY A 55 -12.98 3.29 -2.31
C GLY A 55 -13.12 4.74 -2.75
N ILE A 56 -14.13 4.99 -3.59
CA ILE A 56 -14.43 6.32 -4.10
C ILE A 56 -14.84 7.34 -3.00
N PRO A 57 -15.87 7.03 -2.19
CA PRO A 57 -16.24 7.97 -1.12
C PRO A 57 -15.12 8.30 -0.12
N LEU A 58 -14.37 7.30 0.33
CA LEU A 58 -13.28 7.53 1.28
C LEU A 58 -12.12 8.33 0.70
N MET A 59 -11.80 8.09 -0.57
CA MET A 59 -10.79 8.87 -1.27
C MET A 59 -11.16 10.35 -1.22
N TRP A 60 -12.42 10.67 -1.52
CA TRP A 60 -12.92 12.05 -1.48
C TRP A 60 -12.81 12.66 -0.09
N ILE A 61 -13.23 11.91 0.92
CA ILE A 61 -13.15 12.31 2.33
C ILE A 61 -11.70 12.62 2.76
N GLU A 62 -10.75 11.80 2.33
CA GLU A 62 -9.34 11.98 2.71
C GLU A 62 -8.67 13.17 2.01
N TRP A 63 -9.03 13.43 0.74
CA TRP A 63 -8.61 14.65 0.05
C TRP A 63 -9.14 15.88 0.77
N ALA A 64 -10.41 15.83 1.16
CA ALA A 64 -11.10 16.95 1.80
C ALA A 64 -10.50 17.27 3.17
N MET A 65 -10.38 16.25 4.02
CA MET A 65 -9.71 16.39 5.32
C MET A 65 -8.30 16.96 5.16
N GLY A 66 -7.57 16.42 4.19
CA GLY A 66 -6.22 16.86 3.90
C GLY A 66 -6.17 18.34 3.56
N ARG A 67 -6.80 18.71 2.45
CA ARG A 67 -6.86 20.11 2.00
C ARG A 67 -7.31 21.06 3.12
N TYR A 68 -8.35 20.65 3.86
CA TYR A 68 -8.88 21.40 4.99
C TYR A 68 -7.84 21.62 6.09
N GLY A 69 -7.11 20.56 6.45
CA GLY A 69 -6.05 20.66 7.44
C GLY A 69 -4.88 21.52 6.96
N GLY A 70 -4.52 21.35 5.69
CA GLY A 70 -3.40 22.08 5.09
C GLY A 70 -3.60 23.58 5.09
N ALA A 71 -4.86 24.00 4.95
CA ALA A 71 -5.23 25.42 4.94
C ALA A 71 -4.97 26.11 6.29
N GLN A 72 -4.82 25.29 7.33
CA GLN A 72 -4.51 25.77 8.66
C GLN A 72 -3.11 25.34 9.12
N GLY A 73 -2.32 24.82 8.17
CA GLY A 73 -0.93 24.42 8.44
C GLY A 73 -0.71 23.06 9.06
N HIS A 74 -1.68 22.16 8.89
CA HIS A 74 -1.61 20.82 9.50
C HIS A 74 -1.79 19.69 8.48
N GLY A 75 -0.76 18.85 8.37
CA GLY A 75 -0.77 17.76 7.40
C GLY A 75 -1.25 16.41 7.90
N THR A 76 -1.25 16.21 9.22
CA THR A 76 -1.51 14.89 9.79
C THR A 76 -2.72 14.85 10.72
N THR A 77 -3.21 13.64 10.96
CA THR A 77 -4.47 13.43 11.67
C THR A 77 -4.54 13.78 13.17
N PRO A 78 -3.41 13.68 13.92
CA PRO A 78 -3.52 14.18 15.31
C PRO A 78 -4.06 15.61 15.36
N ALA A 79 -3.51 16.51 14.55
CA ALA A 79 -3.99 17.88 14.46
C ALA A 79 -5.34 18.01 13.75
N ILE A 80 -5.45 17.37 12.57
CA ILE A 80 -6.65 17.48 11.74
C ILE A 80 -7.92 16.94 12.41
N PHE A 81 -7.81 15.79 13.08
CA PHE A 81 -8.92 15.21 13.84
C PHE A 81 -9.40 16.17 14.93
N TYR A 82 -8.47 16.94 15.48
CA TYR A 82 -8.77 17.91 16.53
C TYR A 82 -9.51 19.12 15.99
N LEU A 83 -9.14 19.55 14.79
CA LEU A 83 -9.83 20.64 14.08
C LEU A 83 -11.28 20.28 13.78
N LEU A 84 -11.51 19.03 13.42
CA LEU A 84 -12.85 18.54 13.07
C LEU A 84 -13.68 18.22 14.31
N TRP A 85 -12.99 17.87 15.39
CA TRP A 85 -13.62 17.51 16.66
C TRP A 85 -12.73 17.96 17.81
N ARG A 86 -13.10 19.07 18.44
CA ARG A 86 -12.30 19.71 19.49
C ARG A 86 -12.36 18.92 20.81
N ASN A 87 -11.79 17.73 20.79
CA ASN A 87 -11.79 16.82 21.91
C ASN A 87 -10.41 16.17 22.05
N ARG A 88 -10.03 15.85 23.28
CA ARG A 88 -8.72 15.23 23.57
C ARG A 88 -8.63 13.83 22.97
N PHE A 89 -9.75 13.11 22.96
CA PHE A 89 -9.82 11.76 22.41
C PHE A 89 -9.60 11.74 20.88
N ALA A 90 -9.82 12.89 20.23
CA ALA A 90 -9.60 13.04 18.78
C ALA A 90 -8.12 13.06 18.41
N LYS A 91 -7.29 13.66 19.27
CA LYS A 91 -5.84 13.70 19.06
C LYS A 91 -5.24 12.30 19.20
N ILE A 92 -5.75 11.53 20.15
CA ILE A 92 -5.26 10.17 20.42
C ILE A 92 -5.63 9.21 19.28
N LEU A 93 -6.87 9.28 18.80
CA LEU A 93 -7.29 8.54 17.61
C LEU A 93 -6.51 8.99 16.38
N GLY A 94 -6.12 10.26 16.36
CA GLY A 94 -5.27 10.82 15.31
C GLY A 94 -3.90 10.17 15.21
N VAL A 95 -3.40 9.64 16.32
CA VAL A 95 -2.10 8.96 16.35
C VAL A 95 -2.01 7.77 15.39
N PHE A 96 -3.12 7.04 15.23
CA PHE A 96 -3.19 5.94 14.26
C PHE A 96 -2.79 6.35 12.84
N GLY A 97 -3.12 7.58 12.45
CA GLY A 97 -2.70 8.12 11.17
C GLY A 97 -1.25 8.55 11.10
N LEU A 98 -0.52 8.41 12.21
CA LEU A 98 0.94 8.47 12.19
C LEU A 98 1.52 7.06 12.33
N TRP A 99 0.87 6.25 13.18
CA TRP A 99 1.31 4.91 13.50
C TRP A 99 1.18 3.93 12.34
N ILE A 100 0.01 3.90 11.70
CA ILE A 100 -0.22 3.01 10.57
C ILE A 100 0.81 3.17 9.43
N PRO A 101 1.00 4.42 8.92
CA PRO A 101 1.99 4.61 7.86
C PRO A 101 3.44 4.37 8.31
N LEU A 102 3.70 4.53 9.60
CA LEU A 102 5.03 4.25 10.16
C LEU A 102 5.28 2.74 10.22
N VAL A 103 4.31 1.99 10.73
CA VAL A 103 4.44 0.53 10.79
C VAL A 103 4.46 -0.07 9.38
N VAL A 104 3.65 0.48 8.48
CA VAL A 104 3.63 0.00 7.09
C VAL A 104 4.99 0.24 6.40
N ALA A 105 5.55 1.44 6.57
CA ALA A 105 6.86 1.80 6.02
C ALA A 105 7.94 0.82 6.46
N ILE A 106 7.85 0.37 7.70
CA ILE A 106 8.85 -0.52 8.30
C ILE A 106 8.99 -1.85 7.53
N TYR A 107 7.88 -2.42 7.06
CA TYR A 107 7.97 -3.64 6.24
C TYR A 107 7.91 -3.38 4.73
N TYR A 108 7.18 -2.34 4.32
CA TYR A 108 6.97 -2.06 2.90
C TYR A 108 8.25 -1.66 2.19
N VAL A 109 9.05 -0.78 2.81
CA VAL A 109 10.33 -0.36 2.23
C VAL A 109 11.29 -1.55 2.10
N TYR A 110 11.20 -2.49 3.04
CA TYR A 110 12.03 -3.68 3.01
C TYR A 110 11.69 -4.56 1.81
N ILE A 111 10.40 -4.80 1.58
CA ILE A 111 9.95 -5.54 0.39
C ILE A 111 10.33 -4.80 -0.90
N GLU A 112 10.14 -3.49 -0.91
CA GLU A 112 10.61 -2.63 -2.00
C GLU A 112 12.10 -2.86 -2.30
N SER A 113 12.91 -3.01 -1.26
CA SER A 113 14.34 -3.25 -1.45
C SER A 113 14.64 -4.61 -2.10
N TRP A 114 13.82 -5.63 -1.82
CA TRP A 114 13.94 -6.92 -2.50
C TRP A 114 13.85 -6.77 -4.01
N THR A 115 12.90 -5.97 -4.47
CA THR A 115 12.69 -5.75 -5.90
C THR A 115 13.88 -5.04 -6.54
N LEU A 116 14.52 -4.14 -5.79
CA LEU A 116 15.76 -3.51 -6.26
C LEU A 116 16.92 -4.52 -6.32
N GLY A 117 17.07 -5.32 -5.26
CA GLY A 117 18.10 -6.36 -5.22
C GLY A 117 17.92 -7.39 -6.33
N PHE A 118 16.69 -7.86 -6.52
CA PHE A 118 16.36 -8.75 -7.63
C PHE A 118 16.58 -8.10 -9.00
N ALA A 119 16.19 -6.83 -9.16
CA ALA A 119 16.43 -6.09 -10.40
C ALA A 119 17.92 -6.04 -10.76
N ILE A 120 18.76 -5.68 -9.79
CA ILE A 120 20.22 -5.67 -9.97
C ILE A 120 20.75 -7.05 -10.36
N LYS A 121 20.32 -8.08 -9.62
CA LYS A 121 20.78 -9.45 -9.88
C LYS A 121 20.30 -10.00 -11.23
N PHE A 122 19.08 -9.64 -11.63
CA PHE A 122 18.56 -10.07 -12.93
C PHE A 122 19.21 -9.34 -14.11
N LEU A 123 19.47 -8.04 -13.94
CA LEU A 123 20.19 -7.25 -14.95
C LEU A 123 21.57 -7.82 -15.26
N VAL A 124 22.31 -8.15 -14.20
CA VAL A 124 23.69 -8.60 -14.28
C VAL A 124 23.77 -10.11 -14.52
N GLY A 125 22.63 -10.77 -14.51
CA GLY A 125 22.54 -12.20 -14.82
C GLY A 125 23.01 -13.14 -13.73
N LEU A 126 23.08 -12.65 -12.49
CA LEU A 126 23.42 -13.49 -11.34
C LEU A 126 22.15 -14.19 -10.83
N VAL A 127 21.58 -15.02 -11.68
CA VAL A 127 20.31 -15.67 -11.44
C VAL A 127 20.46 -17.19 -11.49
N PRO A 128 19.52 -17.95 -10.89
CA PRO A 128 19.62 -19.40 -10.98
C PRO A 128 19.38 -19.91 -12.39
N GLU A 129 20.10 -20.97 -12.77
CA GLU A 129 19.89 -21.64 -14.04
C GLU A 129 19.17 -22.96 -13.79
N PRO A 130 17.90 -23.07 -14.23
CA PRO A 130 17.20 -24.35 -14.17
C PRO A 130 17.73 -25.30 -15.25
N PRO A 131 17.60 -26.64 -15.04
CA PRO A 131 18.08 -27.59 -16.06
C PRO A 131 17.32 -27.46 -17.38
N PRO A 132 18.05 -27.51 -18.51
CA PRO A 132 17.45 -27.35 -19.84
C PRO A 132 17.00 -28.68 -20.45
N THR A 135 11.95 -30.17 -18.10
CA THR A 135 10.52 -29.94 -18.30
C THR A 135 9.76 -30.00 -16.97
N ASP A 136 10.30 -30.79 -16.03
CA ASP A 136 9.74 -30.96 -14.68
C ASP A 136 9.54 -29.61 -13.96
N PRO A 137 8.27 -29.29 -13.62
CA PRO A 137 7.88 -28.03 -12.96
C PRO A 137 8.62 -27.74 -11.65
N ASP A 138 8.98 -28.78 -10.90
CA ASP A 138 9.69 -28.60 -9.65
C ASP A 138 11.20 -28.40 -9.81
N SER A 139 11.77 -28.93 -10.89
CA SER A 139 13.19 -28.70 -11.19
C SER A 139 13.42 -27.29 -11.74
N ILE A 140 12.33 -26.60 -12.10
CA ILE A 140 12.40 -25.23 -12.62
C ILE A 140 12.08 -24.20 -11.53
N LEU A 141 11.08 -24.50 -10.70
CA LEU A 141 10.64 -23.59 -9.63
C LEU A 141 11.57 -23.58 -8.40
N ARG A 142 12.19 -24.73 -8.12
CA ARG A 142 13.03 -24.89 -6.92
C ARG A 142 14.25 -23.96 -6.88
N PRO A 143 15.02 -23.86 -7.99
CA PRO A 143 16.16 -22.94 -7.99
C PRO A 143 15.78 -21.49 -7.67
N PHE A 144 14.61 -21.05 -8.14
CA PHE A 144 14.12 -19.70 -7.87
C PHE A 144 13.60 -19.54 -6.44
N LYS A 145 12.99 -20.60 -5.91
CA LYS A 145 12.62 -20.64 -4.50
C LYS A 145 13.84 -20.50 -3.60
N GLU A 146 14.90 -21.24 -3.91
CA GLU A 146 16.15 -21.20 -3.17
C GLU A 146 16.82 -19.83 -3.30
N PHE A 147 16.64 -19.20 -4.45
CA PHE A 147 17.17 -17.88 -4.73
C PHE A 147 16.51 -16.81 -3.85
N LEU A 148 15.18 -16.87 -3.71
CA LEU A 148 14.49 -15.96 -2.79
C LEU A 148 14.82 -16.27 -1.33
N TYR A 149 14.87 -17.56 -0.98
CA TYR A 149 15.12 -18.00 0.39
C TYR A 149 16.52 -17.64 0.90
N SER A 150 17.52 -17.64 0.02
CA SER A 150 18.88 -17.22 0.38
C SER A 150 18.98 -15.71 0.54
N TYR A 151 18.19 -14.99 -0.23
CA TYR A 151 18.25 -13.54 -0.26
C TYR A 151 17.76 -12.98 1.08
N ILE A 152 16.57 -13.41 1.49
CA ILE A 152 15.96 -12.92 2.71
C ILE A 152 16.37 -13.73 3.95
N GLY A 153 16.86 -14.95 3.73
CA GLY A 153 17.34 -15.82 4.80
C GLY A 153 16.27 -16.60 5.56
N VAL A 154 15.35 -17.23 4.82
CA VAL A 154 14.29 -18.05 5.39
C VAL A 154 14.88 -19.13 6.33
N PRO A 155 14.24 -19.33 7.51
CA PRO A 155 14.76 -20.31 8.49
C PRO A 155 14.89 -21.72 7.92
N LYS A 156 16.03 -22.35 8.19
CA LYS A 156 16.28 -23.72 7.75
C LYS A 156 15.98 -24.75 8.85
N GLY A 157 15.92 -24.29 10.10
CA GLY A 157 15.65 -25.15 11.25
C GLY A 157 14.37 -24.82 11.98
N ASP A 158 14.46 -24.75 13.31
CA ASP A 158 13.28 -24.56 14.18
C ASP A 158 13.18 -23.14 14.72
N GLU A 159 14.32 -22.48 14.87
CA GLU A 159 14.38 -21.10 15.35
C GLU A 159 13.69 -20.14 14.38
N PRO A 160 12.82 -19.26 14.91
CA PRO A 160 12.05 -18.31 14.08
C PRO A 160 12.91 -17.11 13.67
N ILE A 161 14.09 -17.40 13.14
CA ILE A 161 15.11 -16.40 12.89
C ILE A 161 15.46 -16.35 11.41
N LEU A 162 15.52 -15.13 10.88
CA LEU A 162 15.92 -14.89 9.50
C LEU A 162 17.38 -14.48 9.43
N LYS A 163 18.02 -14.81 8.31
CA LYS A 163 19.42 -14.49 8.09
C LYS A 163 19.58 -13.82 6.71
N PRO A 164 19.25 -12.52 6.61
CA PRO A 164 19.38 -11.81 5.34
C PRO A 164 20.81 -11.90 4.81
N SER A 165 20.95 -12.09 3.50
CA SER A 165 22.26 -12.07 2.86
C SER A 165 22.85 -10.66 2.97
N LEU A 166 24.18 -10.56 2.89
CA LEU A 166 24.85 -9.26 2.96
C LEU A 166 24.38 -8.30 1.86
N PHE A 167 24.20 -8.83 0.65
CA PHE A 167 23.65 -8.08 -0.48
C PHE A 167 22.27 -7.48 -0.17
N ALA A 168 21.35 -8.29 0.36
CA ALA A 168 20.00 -7.85 0.76
C ALA A 168 20.01 -6.71 1.78
N TYR A 169 20.89 -6.82 2.76
CA TYR A 169 21.05 -5.80 3.79
C TYR A 169 21.57 -4.48 3.22
N ILE A 170 22.59 -4.55 2.37
CA ILE A 170 23.16 -3.35 1.74
C ILE A 170 22.18 -2.69 0.76
N VAL A 171 21.40 -3.50 0.05
CA VAL A 171 20.38 -3.01 -0.88
C VAL A 171 19.25 -2.31 -0.12
N PHE A 172 19.00 -2.75 1.11
CA PHE A 172 18.06 -2.06 1.99
C PHE A 172 18.56 -0.65 2.35
N LEU A 173 19.85 -0.56 2.71
CA LEU A 173 20.49 0.74 2.94
C LEU A 173 20.38 1.67 1.74
N ILE A 174 20.69 1.16 0.56
CA ILE A 174 20.56 1.94 -0.70
C ILE A 174 19.12 2.40 -0.93
N THR A 175 18.18 1.50 -0.73
CA THR A 175 16.75 1.80 -0.85
C THR A 175 16.33 2.92 0.09
N MET A 176 16.76 2.84 1.35
CA MET A 176 16.55 3.92 2.30
C MET A 176 17.14 5.22 1.77
N PHE A 177 18.36 5.15 1.24
CA PHE A 177 19.03 6.33 0.69
C PHE A 177 18.29 6.95 -0.51
N ILE A 178 17.73 6.12 -1.38
CA ILE A 178 16.97 6.62 -2.54
C ILE A 178 15.68 7.31 -2.09
N ASN A 179 15.00 6.72 -1.10
CA ASN A 179 13.82 7.35 -0.50
C ASN A 179 14.15 8.71 0.12
N VAL A 180 15.25 8.75 0.88
CA VAL A 180 15.69 9.99 1.51
C VAL A 180 16.01 11.07 0.48
N SER A 181 16.72 10.70 -0.58
CA SER A 181 17.17 11.66 -1.58
C SER A 181 16.00 12.36 -2.31
N ILE A 182 14.87 11.67 -2.44
CA ILE A 182 13.65 12.26 -3.01
C ILE A 182 12.94 13.14 -1.98
N LEU A 183 12.68 12.58 -0.80
CA LEU A 183 11.91 13.25 0.26
C LEU A 183 12.59 14.49 0.82
N ILE A 184 13.92 14.51 0.79
CA ILE A 184 14.70 15.63 1.31
C ILE A 184 14.60 16.88 0.44
N ARG A 185 14.19 16.70 -0.82
CA ARG A 185 13.99 17.81 -1.75
C ARG A 185 12.59 18.42 -1.64
N GLY A 186 11.68 17.73 -0.95
CA GLY A 186 10.37 18.26 -0.63
C GLY A 186 9.23 17.78 -1.51
N ILE A 187 8.14 18.54 -1.49
CA ILE A 187 6.90 18.20 -2.19
C ILE A 187 7.03 18.40 -3.71
N SER A 188 7.26 19.64 -4.14
CA SER A 188 7.31 19.95 -5.57
C SER A 188 8.62 19.56 -6.23
N LYS A 189 9.74 19.79 -5.54
CA LYS A 189 11.07 19.50 -6.11
C LYS A 189 11.52 18.05 -5.94
N GLY A 190 10.86 17.33 -5.04
CA GLY A 190 11.20 15.93 -4.77
C GLY A 190 10.13 14.98 -5.25
N ILE A 191 9.04 14.88 -4.49
CA ILE A 191 7.95 13.93 -4.76
C ILE A 191 7.31 14.17 -6.13
N GLU A 192 6.97 15.42 -6.41
CA GLU A 192 6.30 15.79 -7.66
C GLU A 192 7.17 15.60 -8.90
N ARG A 193 8.42 16.05 -8.84
CA ARG A 193 9.35 15.89 -9.95
C ARG A 193 9.61 14.42 -10.25
N PHE A 194 9.85 13.62 -9.20
CA PHE A 194 10.06 12.18 -9.38
C PHE A 194 8.86 11.46 -9.99
N ALA A 195 7.66 11.76 -9.50
CA ALA A 195 6.41 11.15 -9.98
C ALA A 195 6.19 11.37 -11.48
N LYS A 196 6.57 12.56 -11.97
CA LYS A 196 6.46 12.89 -13.39
C LYS A 196 7.40 12.06 -14.27
N ILE A 197 8.44 11.49 -13.65
CA ILE A 197 9.36 10.58 -14.32
C ILE A 197 8.92 9.12 -14.11
N ALA A 198 8.64 8.77 -12.85
CA ALA A 198 8.37 7.39 -12.47
C ALA A 198 7.09 6.81 -13.08
N MET A 199 6.00 7.56 -13.02
CA MET A 199 4.69 7.08 -13.49
C MET A 199 4.61 6.73 -14.98
N PRO A 200 5.05 7.64 -15.87
CA PRO A 200 5.21 7.26 -17.29
C PRO A 200 6.10 6.03 -17.51
N THR A 201 7.26 5.98 -16.84
CA THR A 201 8.16 4.82 -16.91
C THR A 201 7.43 3.55 -16.45
N LEU A 202 6.73 3.65 -15.33
CA LEU A 202 5.94 2.57 -14.76
C LEU A 202 4.89 2.05 -15.74
N PHE A 203 4.17 2.98 -16.38
CA PHE A 203 3.13 2.65 -17.35
C PHE A 203 3.69 1.91 -18.57
N ILE A 204 4.79 2.42 -19.12
CA ILE A 204 5.43 1.81 -20.29
C ILE A 204 5.93 0.39 -19.99
N LEU A 205 6.63 0.23 -18.85
CA LEU A 205 7.11 -1.08 -18.42
C LEU A 205 5.98 -2.10 -18.23
N ALA A 206 4.87 -1.66 -17.65
CA ALA A 206 3.74 -2.55 -17.39
C ALA A 206 3.05 -3.03 -18.67
N VAL A 207 2.85 -2.10 -19.61
CA VAL A 207 2.24 -2.40 -20.90
C VAL A 207 3.12 -3.38 -21.70
N PHE A 208 4.42 -3.11 -21.77
CA PHE A 208 5.36 -4.03 -22.43
C PHE A 208 5.31 -5.44 -21.84
N LEU A 209 5.23 -5.54 -20.53
CA LEU A 209 5.16 -6.82 -19.85
C LEU A 209 3.85 -7.55 -20.13
N VAL A 210 2.73 -6.82 -20.11
CA VAL A 210 1.41 -7.36 -20.48
C VAL A 210 1.42 -7.95 -21.90
N ILE A 211 1.96 -7.19 -22.85
CA ILE A 211 2.09 -7.63 -24.24
C ILE A 211 2.93 -8.91 -24.34
N ARG A 212 4.11 -8.90 -23.72
CA ARG A 212 4.97 -10.07 -23.71
C ARG A 212 4.27 -11.31 -23.12
N VAL A 213 3.62 -11.14 -21.97
CA VAL A 213 2.86 -12.21 -21.31
C VAL A 213 1.71 -12.71 -22.19
N PHE A 214 1.10 -11.80 -22.96
CA PHE A 214 -0.03 -12.16 -23.84
C PHE A 214 0.38 -13.16 -24.93
N LEU A 215 1.67 -13.19 -25.25
CA LEU A 215 2.22 -14.11 -26.26
C LEU A 215 2.56 -15.51 -25.71
N LEU A 216 2.34 -15.73 -24.42
CA LEU A 216 2.69 -17.00 -23.79
C LEU A 216 1.67 -18.09 -24.09
N GLU A 217 2.16 -19.22 -24.59
CA GLU A 217 1.34 -20.38 -24.88
C GLU A 217 2.14 -21.67 -24.68
N THR A 218 1.57 -22.58 -23.89
CA THR A 218 2.18 -23.88 -23.60
C THR A 218 1.13 -24.98 -23.81
N PRO A 219 1.52 -26.26 -23.68
CA PRO A 219 0.51 -27.33 -23.69
C PRO A 219 -0.57 -27.16 -22.60
N ASN A 220 -0.24 -26.45 -21.53
CA ASN A 220 -1.15 -26.25 -20.40
C ASN A 220 -2.12 -25.07 -20.56
N GLY A 221 -1.91 -24.24 -21.58
CA GLY A 221 -2.82 -23.14 -21.86
C GLY A 221 -2.18 -21.86 -22.38
N THR A 222 -3.00 -20.81 -22.49
CA THR A 222 -2.57 -19.50 -22.97
C THR A 222 -2.86 -18.44 -21.90
N ALA A 223 -2.35 -17.23 -22.14
CA ALA A 223 -2.64 -16.08 -21.28
C ALA A 223 -4.13 -15.72 -21.27
N ALA A 224 -4.81 -15.98 -22.39
CA ALA A 224 -6.24 -15.73 -22.52
C ALA A 224 -7.08 -16.53 -21.51
N ASP A 225 -6.64 -17.75 -21.20
CA ASP A 225 -7.25 -18.59 -20.17
C ASP A 225 -7.16 -17.96 -18.78
N GLY A 226 -6.09 -17.20 -18.55
CA GLY A 226 -5.91 -16.44 -17.32
C GLY A 226 -6.90 -15.31 -17.20
N LEU A 227 -7.10 -14.59 -18.31
CA LEU A 227 -8.06 -13.48 -18.37
C LEU A 227 -9.51 -13.95 -18.26
N ASN A 228 -9.80 -15.13 -18.80
CA ASN A 228 -11.12 -15.75 -18.66
C ASN A 228 -11.39 -16.12 -17.21
N PHE A 229 -10.40 -16.72 -16.55
CA PHE A 229 -10.48 -17.07 -15.13
C PHE A 229 -10.73 -15.84 -14.24
N LEU A 230 -10.09 -14.73 -14.58
CA LEU A 230 -10.16 -13.50 -13.78
C LEU A 230 -11.44 -12.70 -14.02
N TRP A 231 -11.93 -12.71 -15.26
CA TRP A 231 -13.08 -11.87 -15.63
C TRP A 231 -14.38 -12.64 -15.89
N THR A 232 -14.49 -13.84 -15.33
CA THR A 232 -15.72 -14.65 -15.44
C THR A 232 -16.40 -14.76 -14.08
N PRO A 233 -17.63 -14.23 -13.98
CA PRO A 233 -18.35 -14.15 -12.70
C PRO A 233 -18.76 -15.51 -12.13
N ASP A 234 -18.75 -15.60 -10.80
CA ASP A 234 -19.22 -16.77 -10.07
C ASP A 234 -20.11 -16.25 -8.94
N PHE A 235 -21.42 -16.29 -9.16
CA PHE A 235 -22.38 -15.69 -8.24
C PHE A 235 -22.67 -16.51 -6.98
N GLU A 236 -21.97 -17.62 -6.84
CA GLU A 236 -22.11 -18.51 -5.68
C GLU A 236 -21.16 -18.15 -4.53
N LYS A 237 -20.25 -17.21 -4.80
CA LYS A 237 -19.31 -16.74 -3.78
C LYS A 237 -19.76 -15.40 -3.19
N LEU A 238 -20.79 -14.81 -3.78
CA LEU A 238 -21.36 -13.54 -3.29
C LEU A 238 -22.02 -13.66 -1.92
N LYS A 239 -22.28 -14.90 -1.49
CA LYS A 239 -22.81 -15.17 -0.16
C LYS A 239 -21.70 -15.54 0.83
N ASP A 240 -20.46 -15.56 0.34
CA ASP A 240 -19.30 -15.85 1.18
C ASP A 240 -18.70 -14.56 1.73
N PRO A 241 -18.73 -14.39 3.07
CA PRO A 241 -18.22 -13.19 3.73
C PRO A 241 -16.70 -13.04 3.63
N GLY A 242 -15.99 -14.16 3.46
CA GLY A 242 -14.53 -14.15 3.31
C GLY A 242 -14.05 -13.41 2.08
N VAL A 243 -14.79 -13.59 0.97
CA VAL A 243 -14.51 -12.87 -0.28
C VAL A 243 -14.73 -11.37 -0.12
N TRP A 244 -15.87 -11.00 0.48
CA TRP A 244 -16.21 -9.60 0.75
C TRP A 244 -15.14 -8.89 1.61
N ILE A 245 -14.70 -9.58 2.67
CA ILE A 245 -13.65 -9.07 3.55
C ILE A 245 -12.33 -8.89 2.79
N ALA A 246 -12.03 -9.86 1.91
CA ALA A 246 -10.82 -9.82 1.08
C ALA A 246 -10.84 -8.65 0.09
N ALA A 247 -11.99 -8.44 -0.56
CA ALA A 247 -12.17 -7.38 -1.54
C ALA A 247 -12.06 -5.97 -0.94
N VAL A 248 -12.65 -5.78 0.24
CA VAL A 248 -12.62 -4.48 0.91
C VAL A 248 -11.21 -4.16 1.42
N GLY A 249 -10.52 -5.18 1.94
CA GLY A 249 -9.14 -5.04 2.39
C GLY A 249 -8.21 -4.64 1.26
N GLN A 250 -8.43 -5.23 0.08
CA GLN A 250 -7.63 -4.91 -1.09
C GLN A 250 -7.90 -3.48 -1.58
N ILE A 251 -9.16 -3.08 -1.55
CA ILE A 251 -9.55 -1.71 -1.90
C ILE A 251 -8.84 -0.67 -1.00
N PHE A 252 -8.86 -0.90 0.31
CA PHE A 252 -8.16 -0.03 1.25
C PHE A 252 -6.67 0.03 0.94
N PHE A 253 -6.03 -1.14 0.94
CA PHE A 253 -4.60 -1.22 0.67
C PHE A 253 -4.23 -0.57 -0.66
N THR A 254 -5.00 -0.89 -1.71
CA THR A 254 -4.64 -0.45 -3.05
C THR A 254 -4.77 1.06 -3.29
N LEU A 255 -5.76 1.70 -2.65
CA LEU A 255 -5.97 3.12 -2.83
C LEU A 255 -5.28 3.99 -1.77
N SER A 256 -4.52 3.34 -0.89
CA SER A 256 -3.85 4.00 0.24
C SER A 256 -4.81 4.64 1.22
N LEU A 257 -5.98 4.03 1.41
CA LEU A 257 -7.00 4.56 2.32
C LEU A 257 -6.79 4.01 3.73
N GLY A 258 -6.97 4.88 4.73
CA GLY A 258 -6.75 4.52 6.13
C GLY A 258 -5.28 4.49 6.51
N PHE A 259 -4.42 4.97 5.62
CA PHE A 259 -2.97 4.99 5.82
C PHE A 259 -2.49 6.38 6.26
N GLY A 260 -3.38 7.37 6.22
CA GLY A 260 -3.01 8.76 6.51
C GLY A 260 -2.14 9.43 5.46
N ALA A 261 -1.99 8.78 4.31
CA ALA A 261 -1.04 9.20 3.28
C ALA A 261 -1.69 10.05 2.20
N ILE A 262 -2.93 9.72 1.84
CA ILE A 262 -3.74 10.55 0.93
C ILE A 262 -3.98 11.91 1.59
N ILE A 263 -4.29 11.88 2.89
CA ILE A 263 -4.51 13.09 3.70
C ILE A 263 -3.30 14.01 3.73
N THR A 264 -2.12 13.45 4.02
CA THR A 264 -0.89 14.24 4.06
C THR A 264 -0.57 14.90 2.71
N TYR A 265 -0.65 14.13 1.62
CA TYR A 265 -0.48 14.65 0.26
C TYR A 265 -1.49 15.75 -0.08
N ALA A 266 -2.74 15.55 0.30
CA ALA A 266 -3.82 16.52 0.04
C ALA A 266 -3.66 17.84 0.79
N SER A 267 -2.94 17.81 1.91
CA SER A 267 -2.67 19.00 2.71
C SER A 267 -1.69 19.96 2.03
N TYR A 268 -1.15 19.56 0.88
CA TYR A 268 -0.30 20.41 0.08
C TYR A 268 -1.02 20.98 -1.14
N VAL A 269 -2.30 20.63 -1.24
CA VAL A 269 -3.20 21.21 -2.25
C VAL A 269 -3.73 22.54 -1.71
N ARG A 270 -3.60 23.59 -2.53
CA ARG A 270 -4.14 24.92 -2.19
C ARG A 270 -5.63 24.87 -1.83
N LYS A 271 -6.00 25.69 -0.85
CA LYS A 271 -7.32 25.69 -0.24
C LYS A 271 -8.48 25.75 -1.25
N ASP A 272 -8.24 26.41 -2.39
CA ASP A 272 -9.26 26.64 -3.41
C ASP A 272 -9.35 25.54 -4.47
N GLN A 273 -8.22 24.86 -4.68
CA GLN A 273 -8.05 23.88 -5.76
C GLN A 273 -9.02 22.68 -5.70
N ASP A 274 -9.36 22.16 -6.87
CA ASP A 274 -10.26 21.01 -7.03
C ASP A 274 -9.70 19.73 -6.39
N ILE A 275 -10.56 19.00 -5.70
CA ILE A 275 -10.22 17.67 -5.17
C ILE A 275 -11.18 16.59 -5.67
N VAL A 276 -12.34 17.00 -6.19
CA VAL A 276 -13.35 16.04 -6.67
C VAL A 276 -12.87 15.27 -7.91
N LEU A 277 -12.56 16.01 -8.98
CA LEU A 277 -12.11 15.40 -10.22
C LEU A 277 -10.71 14.83 -10.08
N SER A 278 -9.87 15.54 -9.34
CA SER A 278 -8.49 15.12 -9.10
C SER A 278 -8.40 13.82 -8.31
N GLY A 279 -9.24 13.67 -7.30
CA GLY A 279 -9.29 12.45 -6.50
C GLY A 279 -9.89 11.28 -7.26
N LEU A 280 -10.89 11.56 -8.09
CA LEU A 280 -11.51 10.54 -8.92
C LEU A 280 -10.53 10.02 -9.98
N THR A 281 -9.75 10.93 -10.56
CA THR A 281 -8.77 10.59 -11.58
C THR A 281 -7.68 9.70 -11.00
N ALA A 282 -7.15 10.10 -9.84
CA ALA A 282 -6.14 9.31 -9.12
C ALA A 282 -6.65 7.91 -8.79
N ALA A 283 -7.88 7.84 -8.26
CA ALA A 283 -8.51 6.58 -7.91
C ALA A 283 -8.74 5.71 -9.15
N THR A 284 -9.12 6.34 -10.26
CA THR A 284 -9.37 5.63 -11.52
C THR A 284 -8.09 5.18 -12.21
N LEU A 285 -7.05 6.00 -12.14
CA LEU A 285 -5.72 5.61 -12.64
C LEU A 285 -5.17 4.36 -11.92
N ASN A 286 -5.36 4.32 -10.59
CA ASN A 286 -4.94 3.17 -9.80
C ASN A 286 -5.64 1.87 -10.22
N GLU A 287 -6.95 1.95 -10.41
CA GLU A 287 -7.76 0.79 -10.77
C GLU A 287 -7.42 0.22 -12.14
N LYS A 288 -7.10 1.09 -13.09
CA LYS A 288 -6.60 0.68 -14.40
C LYS A 288 -5.27 -0.05 -14.26
N ALA A 289 -4.34 0.55 -13.52
CA ALA A 289 -3.05 -0.10 -13.23
C ALA A 289 -3.22 -1.42 -12.47
N GLU A 290 -4.31 -1.53 -11.69
CA GLU A 290 -4.56 -2.73 -10.90
C GLU A 290 -5.24 -3.87 -11.68
N VAL A 291 -6.40 -3.58 -12.27
CA VAL A 291 -7.21 -4.64 -12.89
C VAL A 291 -6.78 -4.96 -14.33
N ILE A 292 -6.29 -3.95 -15.04
CA ILE A 292 -5.88 -4.12 -16.43
C ILE A 292 -4.40 -4.51 -16.54
N LEU A 293 -3.54 -3.81 -15.80
CA LEU A 293 -2.12 -4.06 -15.90
C LEU A 293 -1.65 -5.14 -14.91
N GLY A 294 -1.97 -4.95 -13.63
CA GLY A 294 -1.59 -5.90 -12.58
C GLY A 294 -2.27 -7.25 -12.74
N GLY A 295 -3.52 -7.22 -13.19
CA GLY A 295 -4.30 -8.42 -13.40
C GLY A 295 -3.85 -9.21 -14.61
N SER A 296 -3.30 -8.52 -15.61
CA SER A 296 -2.89 -9.16 -16.87
C SER A 296 -1.45 -9.70 -16.92
N ILE A 297 -0.67 -9.50 -15.85
CA ILE A 297 0.71 -10.01 -15.83
C ILE A 297 0.84 -11.38 -15.13
N SER A 298 0.63 -11.40 -13.81
CA SER A 298 0.94 -12.58 -12.98
C SER A 298 0.04 -13.78 -13.25
N ILE A 299 -1.28 -13.57 -13.17
CA ILE A 299 -2.25 -14.67 -13.35
C ILE A 299 -2.16 -15.32 -14.74
N PRO A 300 -2.27 -14.54 -15.84
CA PRO A 300 -2.26 -15.14 -17.18
C PRO A 300 -0.98 -15.94 -17.48
N ALA A 301 0.15 -15.47 -16.95
CA ALA A 301 1.42 -16.18 -17.13
C ALA A 301 1.45 -17.48 -16.35
N ALA A 302 0.96 -17.44 -15.11
CA ALA A 302 0.84 -18.63 -14.26
C ALA A 302 -0.13 -19.65 -14.83
N VAL A 303 -1.24 -19.17 -15.38
CA VAL A 303 -2.28 -20.03 -15.96
C VAL A 303 -1.80 -20.66 -17.28
N ALA A 304 -1.10 -19.87 -18.10
CA ALA A 304 -0.57 -20.36 -19.36
C ALA A 304 0.34 -21.56 -19.14
N PHE A 305 1.30 -21.43 -18.23
CA PHE A 305 2.30 -22.47 -17.99
C PHE A 305 1.82 -23.66 -17.13
N PHE A 306 0.90 -23.41 -16.19
CA PHE A 306 0.51 -24.42 -15.20
C PHE A 306 -0.95 -24.84 -15.26
N GLY A 307 -1.77 -24.09 -15.97
CA GLY A 307 -3.22 -24.30 -15.92
C GLY A 307 -3.81 -23.55 -14.74
N VAL A 308 -5.14 -23.49 -14.70
CA VAL A 308 -5.85 -22.70 -13.68
C VAL A 308 -5.64 -23.22 -12.25
N ALA A 309 -5.87 -24.52 -12.04
CA ALA A 309 -5.85 -25.12 -10.70
C ALA A 309 -4.48 -25.05 -10.02
N ASN A 310 -3.41 -25.18 -10.80
CA ASN A 310 -2.06 -25.08 -10.28
C ASN A 310 -1.67 -23.63 -9.99
N ALA A 311 -2.19 -22.71 -10.80
CA ALA A 311 -1.98 -21.28 -10.60
C ALA A 311 -2.66 -20.77 -9.33
N VAL A 312 -3.83 -21.32 -9.02
CA VAL A 312 -4.56 -21.02 -7.78
C VAL A 312 -3.78 -21.53 -6.56
N ALA A 313 -3.30 -22.76 -6.64
CA ALA A 313 -2.52 -23.39 -5.57
C ALA A 313 -1.23 -22.63 -5.26
N ILE A 314 -0.55 -22.16 -6.31
CA ILE A 314 0.64 -21.32 -6.19
C ILE A 314 0.35 -20.02 -5.44
N ALA A 315 -0.76 -19.38 -5.79
CA ALA A 315 -1.20 -18.14 -5.14
C ALA A 315 -1.52 -18.31 -3.65
N LYS A 316 -2.06 -19.47 -3.28
CA LYS A 316 -2.41 -19.77 -1.89
C LYS A 316 -1.20 -20.06 -1.01
N ALA A 317 -0.10 -20.49 -1.65
CA ALA A 317 1.12 -20.91 -0.95
C ALA A 317 1.85 -19.74 -0.30
N GLY A 318 1.85 -18.59 -0.97
CA GLY A 318 2.53 -17.40 -0.47
C GLY A 318 2.21 -16.16 -1.27
N ALA A 319 2.29 -15.01 -0.60
CA ALA A 319 2.08 -13.72 -1.24
C ALA A 319 3.25 -13.37 -2.17
N PHE A 320 4.44 -13.84 -1.80
CA PHE A 320 5.65 -13.59 -2.57
C PHE A 320 6.00 -14.72 -3.55
N ASN A 321 5.26 -15.81 -3.47
CA ASN A 321 5.47 -16.99 -4.33
C ASN A 321 5.30 -16.67 -5.81
N LEU A 322 4.25 -15.93 -6.12
CA LEU A 322 3.87 -15.64 -7.50
C LEU A 322 4.80 -14.64 -8.17
N GLY A 323 5.14 -13.57 -7.45
CA GLY A 323 5.93 -12.47 -7.98
C GLY A 323 7.44 -12.61 -7.90
N PHE A 324 7.93 -13.31 -6.86
CA PHE A 324 9.37 -13.45 -6.65
C PHE A 324 9.92 -14.83 -7.04
N ILE A 325 9.03 -15.82 -7.14
CA ILE A 325 9.46 -17.17 -7.47
C ILE A 325 8.92 -17.63 -8.83
N THR A 326 7.59 -17.72 -8.93
CA THR A 326 6.92 -18.30 -10.10
C THR A 326 7.13 -17.51 -11.38
N LEU A 327 6.83 -16.21 -11.36
CA LEU A 327 6.95 -15.38 -12.56
C LEU A 327 8.37 -15.39 -13.16
N PRO A 328 9.42 -15.07 -12.36
CA PRO A 328 10.78 -15.17 -12.91
C PRO A 328 11.16 -16.56 -13.43
N ALA A 329 10.65 -17.61 -12.78
CA ALA A 329 10.85 -18.99 -13.24
C ALA A 329 10.20 -19.22 -14.61
N ILE A 330 8.97 -18.73 -14.77
CA ILE A 330 8.27 -18.77 -16.05
C ILE A 330 9.05 -18.00 -17.13
N PHE A 331 9.51 -16.79 -16.80
CA PHE A 331 10.27 -15.96 -17.74
C PHE A 331 11.56 -16.63 -18.20
N SER A 332 12.22 -17.36 -17.30
CA SER A 332 13.46 -18.06 -17.60
C SER A 332 13.30 -19.13 -18.69
N GLN A 333 12.07 -19.57 -18.92
CA GLN A 333 11.78 -20.55 -19.98
C GLN A 333 11.56 -19.90 -21.34
N THR A 334 11.63 -18.56 -21.38
CA THR A 334 11.46 -17.79 -22.62
C THR A 334 12.74 -17.05 -23.01
N ALA A 335 12.92 -16.79 -24.31
CA ALA A 335 14.12 -16.11 -24.80
C ALA A 335 14.19 -14.67 -24.29
N GLY A 336 15.35 -14.30 -23.76
CA GLY A 336 15.55 -12.99 -23.14
C GLY A 336 14.86 -12.85 -21.79
N GLY A 337 14.54 -13.99 -21.17
CA GLY A 337 13.73 -14.04 -19.95
C GLY A 337 14.34 -13.45 -18.68
N THR A 338 15.66 -13.47 -18.59
CA THR A 338 16.38 -12.86 -17.47
C THR A 338 16.21 -11.34 -17.51
N PHE A 339 16.34 -10.74 -18.70
CA PHE A 339 16.11 -9.32 -18.88
C PHE A 339 14.65 -8.96 -18.62
N LEU A 340 13.73 -9.82 -19.05
CA LEU A 340 12.31 -9.66 -18.77
C LEU A 340 12.03 -9.75 -17.26
N GLY A 341 12.81 -10.57 -16.57
CA GLY A 341 12.81 -10.62 -15.11
C GLY A 341 13.24 -9.29 -14.53
N PHE A 342 14.28 -8.69 -15.12
CA PHE A 342 14.77 -7.38 -14.69
C PHE A 342 13.70 -6.31 -14.83
N LEU A 343 13.00 -6.27 -15.96
CA LEU A 343 11.96 -5.27 -16.21
C LEU A 343 10.79 -5.39 -15.24
N TRP A 344 10.44 -6.63 -14.90
CA TRP A 344 9.43 -6.92 -13.88
C TRP A 344 9.82 -6.36 -12.50
N PHE A 345 11.04 -6.66 -12.05
CA PHE A 345 11.50 -6.16 -10.75
C PHE A 345 11.78 -4.66 -10.73
N PHE A 346 12.21 -4.12 -11.88
CA PHE A 346 12.37 -2.68 -12.03
C PHE A 346 11.00 -1.97 -11.95
N LEU A 347 10.00 -2.56 -12.60
CA LEU A 347 8.61 -2.08 -12.50
C LEU A 347 8.13 -2.08 -11.06
N LEU A 348 8.40 -3.17 -10.34
CA LEU A 348 8.04 -3.31 -8.93
C LEU A 348 8.77 -2.30 -8.04
N PHE A 349 10.05 -2.06 -8.33
CA PHE A 349 10.82 -1.09 -7.57
C PHE A 349 10.26 0.33 -7.66
N PHE A 350 10.01 0.78 -8.89
CA PHE A 350 9.42 2.10 -9.13
C PHE A 350 8.01 2.20 -8.58
N ALA A 351 7.23 1.13 -8.70
CA ALA A 351 5.91 1.07 -8.08
C ALA A 351 6.00 1.19 -6.56
N GLY A 352 6.95 0.49 -5.96
CA GLY A 352 7.17 0.57 -4.51
C GLY A 352 7.70 1.92 -4.04
N LEU A 353 8.68 2.46 -4.76
CA LEU A 353 9.33 3.70 -4.38
C LEU A 353 8.38 4.89 -4.31
N THR A 354 7.51 5.03 -5.30
CA THR A 354 6.52 6.09 -5.29
C THR A 354 5.47 5.95 -4.15
N SER A 355 5.28 4.73 -3.65
CA SER A 355 4.37 4.50 -2.51
C SER A 355 5.03 4.66 -1.16
N SER A 356 6.31 4.34 -1.08
CA SER A 356 7.03 4.42 0.19
C SER A 356 7.38 5.85 0.56
N ILE A 357 7.62 6.69 -0.44
CA ILE A 357 7.80 8.13 -0.19
C ILE A 357 6.49 8.76 0.30
N ALA A 358 5.37 8.15 -0.06
CA ALA A 358 4.05 8.58 0.41
C ALA A 358 3.76 8.17 1.87
N ILE A 359 4.17 6.97 2.28
CA ILE A 359 3.88 6.51 3.66
C ILE A 359 4.87 6.99 4.72
N MET A 360 5.95 7.62 4.28
CA MET A 360 6.89 8.24 5.21
C MET A 360 6.66 9.75 5.36
N GLN A 361 5.95 10.33 4.40
CA GLN A 361 5.64 11.77 4.40
C GLN A 361 4.75 12.25 5.57
N PRO A 362 3.78 11.42 6.01
CA PRO A 362 3.03 11.77 7.22
C PRO A 362 3.91 12.04 8.44
N MET A 363 4.86 11.15 8.70
CA MET A 363 5.79 11.31 9.83
C MET A 363 6.65 12.57 9.66
N ILE A 364 7.10 12.81 8.45
CA ILE A 364 7.85 14.02 8.09
C ILE A 364 7.00 15.29 8.27
N ALA A 365 5.75 15.25 7.81
CA ALA A 365 4.81 16.36 7.94
C ALA A 365 4.53 16.69 9.41
N PHE A 366 4.38 15.65 10.24
CA PHE A 366 4.19 15.85 11.67
C PHE A 366 5.36 16.58 12.31
N LEU A 367 6.58 16.14 12.00
CA LEU A 367 7.79 16.70 12.60
C LEU A 367 8.01 18.16 12.17
N GLU A 368 7.70 18.49 10.92
CA GLU A 368 7.77 19.86 10.40
C GLU A 368 6.66 20.75 10.94
N ASP A 369 5.42 20.29 10.81
CA ASP A 369 4.24 21.08 11.16
C ASP A 369 4.12 21.33 12.66
N GLU A 370 4.24 20.25 13.45
CA GLU A 370 3.86 20.29 14.86
C GLU A 370 5.04 20.47 15.83
N LEU A 371 6.19 19.93 15.49
CA LEU A 371 7.40 20.07 16.31
C LEU A 371 8.43 21.03 15.69
N LYS A 372 8.09 21.58 14.52
CA LYS A 372 8.85 22.65 13.86
C LYS A 372 10.30 22.28 13.52
N LEU A 373 10.53 21.01 13.23
CA LEU A 373 11.82 20.58 12.69
C LEU A 373 11.92 21.03 11.24
N SER A 374 13.14 21.31 10.79
CA SER A 374 13.39 21.57 9.37
C SER A 374 13.09 20.29 8.57
N ARG A 375 12.90 20.44 7.27
CA ARG A 375 12.68 19.28 6.40
C ARG A 375 13.84 18.29 6.47
N LYS A 376 15.07 18.80 6.45
CA LYS A 376 16.27 17.97 6.54
C LYS A 376 16.25 17.05 7.78
N HIS A 377 16.00 17.64 8.95
CA HIS A 377 15.99 16.89 10.19
C HIS A 377 14.78 15.97 10.31
N ALA A 378 13.64 16.42 9.80
CA ALA A 378 12.42 15.62 9.83
C ALA A 378 12.57 14.36 8.97
N VAL A 379 13.19 14.50 7.80
CA VAL A 379 13.39 13.38 6.87
C VAL A 379 14.41 12.40 7.44
N LEU A 380 15.53 12.91 7.96
CA LEU A 380 16.61 12.07 8.49
C LEU A 380 16.23 11.28 9.73
N TRP A 381 15.47 11.90 10.65
CA TRP A 381 14.97 11.22 11.83
C TRP A 381 13.91 10.16 11.48
N THR A 382 13.07 10.44 10.50
CA THR A 382 12.08 9.50 10.00
C THR A 382 12.77 8.28 9.38
N ALA A 383 13.79 8.52 8.55
CA ALA A 383 14.58 7.45 7.97
C ALA A 383 15.23 6.60 9.06
N ALA A 384 15.74 7.28 10.09
CA ALA A 384 16.43 6.63 11.21
C ALA A 384 15.52 5.67 11.97
N ILE A 385 14.30 6.12 12.26
CA ILE A 385 13.33 5.29 12.97
C ILE A 385 12.88 4.10 12.11
N VAL A 386 12.62 4.35 10.83
CA VAL A 386 12.21 3.29 9.91
C VAL A 386 13.34 2.27 9.71
N PHE A 387 14.54 2.77 9.41
CA PHE A 387 15.72 1.92 9.25
C PHE A 387 15.97 1.04 10.48
N PHE A 388 15.96 1.65 11.66
CA PHE A 388 16.19 0.92 12.90
C PHE A 388 15.12 -0.16 13.13
N SER A 389 13.86 0.23 13.06
CA SER A 389 12.73 -0.68 13.30
C SER A 389 12.66 -1.83 12.29
N ALA A 390 13.19 -1.62 11.10
CA ALA A 390 13.16 -2.64 10.04
C ALA A 390 14.03 -3.86 10.35
N HIS A 391 14.95 -3.71 11.29
CA HIS A 391 15.77 -4.82 11.76
C HIS A 391 14.94 -5.93 12.39
N LEU A 392 13.78 -5.56 12.92
CA LEU A 392 12.82 -6.52 13.42
C LEU A 392 12.25 -7.38 12.28
N VAL A 393 11.86 -6.70 11.20
CA VAL A 393 11.24 -7.36 10.04
C VAL A 393 12.27 -8.20 9.27
N MET A 394 13.51 -7.71 9.25
CA MET A 394 14.62 -8.37 8.59
C MET A 394 15.08 -9.65 9.28
N PHE A 395 15.01 -9.68 10.62
CA PHE A 395 15.63 -10.76 11.39
C PHE A 395 14.68 -11.70 12.14
N LEU A 396 13.44 -11.28 12.35
CA LEU A 396 12.45 -12.12 13.02
C LEU A 396 11.40 -12.63 12.04
N ASN A 397 11.38 -13.95 11.86
CA ASN A 397 10.45 -14.60 10.95
C ASN A 397 8.98 -14.35 11.33
N LYS A 398 8.19 -13.94 10.33
CA LYS A 398 6.75 -13.62 10.49
C LYS A 398 6.44 -12.29 11.19
N SER A 399 7.47 -11.50 11.50
CA SER A 399 7.28 -10.15 12.02
C SER A 399 6.58 -9.29 10.96
N LEU A 400 7.02 -9.45 9.71
CA LEU A 400 6.43 -8.78 8.56
C LEU A 400 4.92 -9.01 8.47
N ASP A 401 4.51 -10.28 8.63
CA ASP A 401 3.11 -10.69 8.57
C ASP A 401 2.27 -10.03 9.67
N GLU A 402 2.84 -9.96 10.87
CA GLU A 402 2.19 -9.38 12.04
C GLU A 402 1.96 -7.86 11.89
N MET A 403 2.96 -7.17 11.36
CA MET A 403 2.87 -5.74 11.10
C MET A 403 1.86 -5.45 9.99
N ASP A 404 1.87 -6.30 8.97
CA ASP A 404 0.95 -6.16 7.85
C ASP A 404 -0.50 -6.39 8.27
N PHE A 405 -0.70 -7.24 9.26
CA PHE A 405 -2.05 -7.50 9.78
C PHE A 405 -2.58 -6.34 10.65
N TRP A 406 -1.84 -5.98 11.70
CA TRP A 406 -2.32 -4.96 12.66
C TRP A 406 -2.42 -3.55 12.09
N ALA A 407 -1.49 -3.18 11.21
CA ALA A 407 -1.49 -1.85 10.60
C ALA A 407 -2.08 -1.86 9.20
N GLY A 408 -1.52 -2.70 8.33
CA GLY A 408 -1.88 -2.73 6.92
C GLY A 408 -3.21 -3.38 6.56
N THR A 409 -3.78 -4.13 7.49
CA THR A 409 -5.03 -4.89 7.25
C THR A 409 -6.19 -4.46 8.18
N ILE A 410 -6.04 -4.71 9.48
CA ILE A 410 -7.03 -4.29 10.47
C ILE A 410 -7.02 -2.78 10.68
N GLY A 411 -5.82 -2.23 10.90
CA GLY A 411 -5.63 -0.82 11.20
C GLY A 411 -6.27 0.12 10.20
N VAL A 412 -6.08 -0.14 8.90
CA VAL A 412 -6.57 0.75 7.83
C VAL A 412 -8.09 0.78 7.71
N VAL A 413 -8.74 -0.37 7.91
CA VAL A 413 -10.20 -0.43 7.88
C VAL A 413 -10.80 0.29 9.10
N PHE A 414 -10.25 0.01 10.28
CA PHE A 414 -10.62 0.70 11.50
C PHE A 414 -10.44 2.21 11.38
N PHE A 415 -9.28 2.65 10.86
CA PHE A 415 -8.99 4.07 10.72
C PHE A 415 -9.85 4.74 9.65
N GLY A 416 -10.19 3.99 8.59
CA GLY A 416 -11.11 4.44 7.56
C GLY A 416 -12.52 4.72 8.09
N LEU A 417 -13.03 3.82 8.92
CA LEU A 417 -14.33 4.00 9.57
C LEU A 417 -14.30 5.17 10.56
N THR A 418 -13.24 5.23 11.35
CA THR A 418 -13.01 6.32 12.31
C THR A 418 -13.02 7.72 11.67
N GLU A 419 -12.24 7.90 10.61
CA GLU A 419 -12.14 9.21 9.94
C GLU A 419 -13.44 9.63 9.25
N LEU A 420 -14.21 8.64 8.79
CA LEU A 420 -15.54 8.87 8.21
C LEU A 420 -16.53 9.33 9.27
N ILE A 421 -16.51 8.68 10.43
CA ILE A 421 -17.34 9.07 11.59
C ILE A 421 -17.01 10.49 12.04
N ILE A 422 -15.72 10.80 12.17
CA ILE A 422 -15.27 12.12 12.61
C ILE A 422 -15.63 13.24 11.61
N PHE A 423 -15.50 12.95 10.31
CA PHE A 423 -15.77 13.94 9.27
C PHE A 423 -17.26 14.09 8.95
N PHE A 424 -17.96 12.98 8.81
CA PHE A 424 -19.35 12.98 8.35
C PHE A 424 -20.43 12.92 9.42
N TRP A 425 -20.05 12.60 10.65
CA TRP A 425 -21.02 12.51 11.74
C TRP A 425 -20.79 13.56 12.82
N ILE A 426 -19.54 13.70 13.27
CA ILE A 426 -19.20 14.60 14.37
C ILE A 426 -19.01 16.04 13.91
N PHE A 427 -18.09 16.23 12.96
CA PHE A 427 -17.87 17.52 12.31
C PHE A 427 -19.17 18.01 11.69
N GLY A 428 -19.88 17.10 11.00
CA GLY A 428 -21.16 17.41 10.39
C GLY A 428 -21.22 17.02 8.94
N ALA A 429 -22.23 16.24 8.59
CA ALA A 429 -22.42 15.74 7.22
C ALA A 429 -22.51 16.86 6.18
N ASP A 430 -23.26 17.91 6.49
CA ASP A 430 -23.47 19.02 5.57
C ASP A 430 -22.24 19.92 5.44
N LYS A 431 -21.53 20.12 6.55
CA LYS A 431 -20.24 20.81 6.52
C LYS A 431 -19.19 20.00 5.76
N ALA A 432 -19.23 18.68 5.97
CA ALA A 432 -18.33 17.75 5.27
C ALA A 432 -18.58 17.76 3.77
N TRP A 433 -19.84 17.57 3.39
CA TRP A 433 -20.28 17.60 1.99
C TRP A 433 -19.87 18.88 1.27
N GLU A 434 -20.03 20.01 1.95
CA GLU A 434 -19.63 21.32 1.42
C GLU A 434 -18.11 21.42 1.22
N GLU A 435 -17.36 20.94 2.22
CA GLU A 435 -15.91 21.00 2.16
C GLU A 435 -15.36 20.15 1.01
N ILE A 436 -15.99 19.01 0.75
CA ILE A 436 -15.60 18.13 -0.36
C ILE A 436 -15.81 18.83 -1.70
N ASN A 437 -16.99 19.40 -1.90
CA ASN A 437 -17.40 19.98 -3.18
C ASN A 437 -16.81 21.35 -3.51
N ARG A 438 -16.40 22.08 -2.48
CA ARG A 438 -15.84 23.43 -2.64
C ARG A 438 -14.62 23.42 -3.55
N GLY A 439 -14.71 24.18 -4.64
CA GLY A 439 -13.61 24.30 -5.61
C GLY A 439 -13.62 23.22 -6.67
N GLY A 440 -14.60 22.32 -6.60
CA GLY A 440 -14.69 21.20 -7.52
C GLY A 440 -14.93 21.62 -8.96
N ILE A 441 -14.16 21.02 -9.87
CA ILE A 441 -14.36 21.17 -11.31
C ILE A 441 -15.65 20.43 -11.68
N ILE A 442 -15.87 19.29 -11.02
CA ILE A 442 -17.15 18.60 -11.06
C ILE A 442 -17.69 18.49 -9.64
N LYS A 443 -18.99 18.23 -9.52
CA LYS A 443 -19.59 17.96 -8.21
C LYS A 443 -19.73 16.47 -7.98
N VAL A 444 -19.65 16.07 -6.71
CA VAL A 444 -19.90 14.69 -6.32
C VAL A 444 -21.39 14.39 -6.54
N PRO A 445 -21.70 13.33 -7.32
CA PRO A 445 -23.09 12.89 -7.48
C PRO A 445 -23.84 12.85 -6.15
N ARG A 446 -25.06 13.38 -6.17
CA ARG A 446 -25.88 13.54 -4.97
C ARG A 446 -26.07 12.26 -4.15
N ILE A 447 -26.24 11.13 -4.84
CA ILE A 447 -26.42 9.83 -4.19
C ILE A 447 -25.28 9.48 -3.21
N TYR A 448 -24.08 9.98 -3.50
CA TYR A 448 -22.91 9.73 -2.64
C TYR A 448 -22.96 10.39 -1.27
N TYR A 449 -23.82 11.41 -1.10
CA TYR A 449 -24.05 11.98 0.22
C TYR A 449 -24.63 10.91 1.17
N TYR A 450 -25.62 10.16 0.67
CA TYR A 450 -26.28 9.11 1.44
C TYR A 450 -25.41 7.86 1.55
N VAL A 451 -24.55 7.64 0.56
CA VAL A 451 -23.56 6.57 0.61
C VAL A 451 -22.54 6.86 1.71
N MET A 452 -21.96 8.06 1.69
CA MET A 452 -20.96 8.48 2.66
C MET A 452 -21.50 8.49 4.09
N ARG A 453 -22.74 8.93 4.26
CA ARG A 453 -23.33 9.12 5.58
C ARG A 453 -23.90 7.84 6.20
N TYR A 454 -24.52 7.00 5.38
CA TYR A 454 -25.26 5.83 5.87
C TYR A 454 -24.73 4.47 5.40
N ILE A 455 -24.40 4.36 4.12
CA ILE A 455 -24.04 3.06 3.54
C ILE A 455 -22.61 2.63 3.87
N THR A 456 -21.64 3.49 3.56
CA THR A 456 -20.23 3.21 3.83
C THR A 456 -19.92 2.88 5.31
N PRO A 457 -20.40 3.72 6.27
CA PRO A 457 -20.13 3.40 7.67
C PRO A 457 -20.76 2.10 8.18
N ALA A 458 -21.96 1.76 7.70
CA ALA A 458 -22.62 0.51 8.07
C ALA A 458 -21.94 -0.69 7.41
N PHE A 459 -21.47 -0.49 6.18
CA PHE A 459 -20.71 -1.49 5.42
C PHE A 459 -19.45 -1.91 6.17
N LEU A 460 -18.66 -0.92 6.59
CA LEU A 460 -17.39 -1.15 7.27
C LEU A 460 -17.55 -1.65 8.71
N ALA A 461 -18.63 -1.24 9.38
CA ALA A 461 -18.90 -1.66 10.75
C ALA A 461 -19.27 -3.13 10.82
N VAL A 462 -20.12 -3.58 9.89
CA VAL A 462 -20.52 -4.99 9.80
C VAL A 462 -19.32 -5.88 9.45
N LEU A 463 -18.53 -5.41 8.49
CA LEU A 463 -17.31 -6.10 8.05
C LEU A 463 -16.33 -6.32 9.21
N LEU A 464 -16.09 -5.28 10.00
CA LEU A 464 -15.17 -5.32 11.13
C LEU A 464 -15.68 -6.18 12.28
N VAL A 465 -17.01 -6.32 12.39
CA VAL A 465 -17.64 -7.16 13.39
C VAL A 465 -17.40 -8.64 13.09
N VAL A 466 -17.66 -9.03 11.83
CA VAL A 466 -17.45 -10.41 11.39
C VAL A 466 -15.97 -10.79 11.48
N TRP A 467 -15.10 -9.81 11.22
CA TRP A 467 -13.65 -9.97 11.32
C TRP A 467 -13.22 -10.36 12.73
N ALA A 468 -13.61 -9.52 13.70
CA ALA A 468 -13.23 -9.71 15.10
C ALA A 468 -13.82 -10.98 15.73
N ARG A 469 -14.99 -11.38 15.24
CA ARG A 469 -15.68 -12.56 15.76
C ARG A 469 -15.17 -13.86 15.16
N GLU A 470 -15.06 -13.91 13.83
CA GLU A 470 -14.84 -15.17 13.10
C GLU A 470 -13.42 -15.40 12.61
N TYR A 471 -12.55 -14.39 12.74
CA TYR A 471 -11.22 -14.47 12.12
C TYR A 471 -10.03 -14.12 13.01
N ILE A 472 -10.19 -13.16 13.92
CA ILE A 472 -9.07 -12.72 14.75
C ILE A 472 -8.83 -13.50 16.07
N PRO A 473 -9.85 -14.22 16.58
CA PRO A 473 -9.57 -15.09 17.75
C PRO A 473 -8.56 -16.20 17.43
N LYS A 474 -8.51 -16.62 16.17
CA LYS A 474 -7.53 -17.61 15.70
C LYS A 474 -6.12 -17.03 15.72
N ILE A 475 -5.99 -15.80 15.25
CA ILE A 475 -4.68 -15.12 15.18
C ILE A 475 -4.16 -14.77 16.58
N MET A 476 -5.09 -14.53 17.51
CA MET A 476 -4.74 -14.26 18.90
C MET A 476 -4.36 -15.52 19.70
N GLU A 477 -4.81 -16.68 19.23
CA GLU A 477 -4.61 -17.93 19.99
C GLU A 477 -3.79 -19.01 19.25
N GLU A 478 -3.80 -19.00 17.92
CA GLU A 478 -3.13 -20.05 17.15
C GLU A 478 -1.81 -19.62 16.49
N THR A 479 -1.11 -18.66 17.10
CA THR A 479 0.19 -18.21 16.57
C THR A 479 1.37 -18.54 17.49
N HIS A 480 2.57 -18.55 16.93
CA HIS A 480 3.81 -18.74 17.67
C HIS A 480 4.03 -17.57 18.64
N TRP A 481 4.68 -17.85 19.77
CA TRP A 481 4.90 -16.85 20.82
C TRP A 481 5.68 -15.60 20.37
N THR A 482 6.47 -15.74 19.29
CA THR A 482 7.29 -14.63 18.79
C THR A 482 6.49 -13.45 18.20
N VAL A 483 5.20 -13.65 17.96
CA VAL A 483 4.33 -12.55 17.49
C VAL A 483 4.24 -11.44 18.53
N TRP A 484 4.37 -11.80 19.81
CA TRP A 484 4.38 -10.85 20.92
C TRP A 484 5.61 -9.93 20.97
N ILE A 485 6.68 -10.31 20.28
CA ILE A 485 7.83 -9.41 20.13
C ILE A 485 7.46 -8.24 19.23
N THR A 486 6.85 -8.54 18.08
CA THR A 486 6.40 -7.53 17.12
C THR A 486 5.26 -6.66 17.69
N ARG A 487 4.28 -7.32 18.32
CA ARG A 487 3.20 -6.64 19.01
C ARG A 487 3.74 -5.70 20.08
N PHE A 488 4.67 -6.18 20.90
CA PHE A 488 5.30 -5.36 21.92
C PHE A 488 5.95 -4.12 21.31
N TYR A 489 6.73 -4.33 20.23
CA TYR A 489 7.45 -3.23 19.63
C TYR A 489 6.55 -2.16 19.00
N ILE A 490 5.54 -2.58 18.23
CA ILE A 490 4.66 -1.65 17.54
C ILE A 490 3.68 -0.95 18.49
N ILE A 491 3.39 -1.57 19.63
CA ILE A 491 2.63 -0.90 20.70
C ILE A 491 3.49 0.19 21.33
N GLY A 492 4.78 -0.09 21.48
CA GLY A 492 5.76 0.91 21.93
C GLY A 492 5.86 2.09 20.98
N LEU A 493 5.82 1.82 19.68
CA LEU A 493 5.80 2.86 18.66
C LEU A 493 4.59 3.79 18.79
N PHE A 494 3.43 3.21 19.10
CA PHE A 494 2.23 4.00 19.33
C PHE A 494 2.40 4.93 20.54
N LEU A 495 2.99 4.40 21.62
CA LEU A 495 3.23 5.18 22.82
C LEU A 495 4.25 6.29 22.56
N PHE A 496 5.26 5.99 21.76
CA PHE A 496 6.26 6.98 21.36
C PHE A 496 5.61 8.15 20.61
N LEU A 497 4.76 7.82 19.65
CA LEU A 497 4.06 8.84 18.85
C LEU A 497 3.05 9.62 19.67
N THR A 498 2.41 8.97 20.64
CA THR A 498 1.52 9.63 21.59
C THR A 498 2.30 10.67 22.40
N PHE A 499 3.49 10.30 22.85
CA PHE A 499 4.37 11.20 23.58
C PHE A 499 4.77 12.41 22.73
N LEU A 500 4.97 12.20 21.43
CA LEU A 500 5.28 13.28 20.50
C LEU A 500 4.12 14.24 20.26
N VAL A 501 2.90 13.69 20.28
CA VAL A 501 1.68 14.50 20.19
C VAL A 501 1.54 15.34 21.46
N PHE A 502 1.86 14.73 22.60
CA PHE A 502 1.91 15.42 23.88
C PHE A 502 2.91 16.59 23.88
N LEU A 503 4.10 16.37 23.33
CA LEU A 503 5.13 17.41 23.25
C LEU A 503 4.75 18.53 22.28
N ALA A 504 4.06 18.15 21.21
CA ALA A 504 3.60 19.10 20.19
C ALA A 504 2.58 20.08 20.77
N GLU A 505 1.70 19.59 21.62
CA GLU A 505 0.68 20.45 22.24
C GLU A 505 1.26 21.32 23.36
N ARG A 506 2.24 20.80 24.10
CA ARG A 506 2.95 21.60 25.11
C ARG A 506 3.73 22.75 24.46
N ARG A 507 4.33 22.46 23.29
CA ARG A 507 5.05 23.46 22.52
C ARG A 507 4.10 24.54 22.00
N ARG A 508 2.91 24.12 21.60
CA ARG A 508 1.86 25.03 21.14
C ARG A 508 1.39 25.94 22.27
N ASN A 509 1.26 25.38 23.47
CA ASN A 509 0.85 26.12 24.66
C ASN A 509 1.87 27.19 25.08
N HIS A 510 3.15 26.86 24.96
CA HIS A 510 4.23 27.82 25.20
C HIS A 510 4.28 28.89 24.11
N GLU A 511 3.94 28.49 22.89
CA GLU A 511 3.93 29.39 21.73
C GLU A 511 2.78 30.39 21.81
N SER A 512 1.67 29.95 22.40
CA SER A 512 0.49 30.79 22.60
C SER A 512 0.62 31.68 23.84
N ALA A 513 1.58 31.35 24.70
CA ALA A 513 1.90 32.15 25.88
C ALA A 513 3.11 33.07 25.62
N GLY A 514 3.58 33.07 24.38
CA GLY A 514 4.70 33.91 23.96
C GLY A 514 4.30 35.04 23.03
N THR A 515 3.18 34.86 22.33
CA THR A 515 2.65 35.87 21.40
C THR A 515 1.47 36.64 22.00
#